data_6DV1
#
_entry.id   6DV1
#
_cell.length_a   56.292
_cell.length_b   80.607
_cell.length_c   104.488
_cell.angle_alpha   90.000
_cell.angle_beta   90.000
_cell.angle_gamma   90.000
#
_symmetry.space_group_name_H-M   'P 21 21 21'
#
loop_
_entity.id
_entity.type
_entity.pdbx_description
1 polymer 'Catenin alpha-1'
2 non-polymer 'BROMIDE ION'
3 non-polymer 'SULFATE ION'
4 water water
#
_entity_poly.entity_id   1
_entity_poly.type   'polypeptide(L)'
_entity_poly.pdbx_seq_one_letter_code
;GPLGSPEFSRTSVQTEDDQLIAGQSARAIMAQLPQEQKAKIAEQVASFQEEKSKLDAEVSKWDDSGNDIIVLAKQMCMIM
MEMTDFTRGKGPLKNTSDVISAAKKIAEAGSRMDKLGRTIADHCPDSACKQDLLAYLQRIALYCHQLNICSKVKAEVQNL
GGELVVSGVDSAMSLIQAAKNLMNAVVQTVKASYVASTKYQKSQGMASLNLPAVSWKMKAPEKKPLVKREKQDETQTKIK
RASQKKHVNPVQALSEFKAMDSI
;
_entity_poly.pdbx_strand_id   A,B
#
loop_
_chem_comp.id
_chem_comp.type
_chem_comp.name
_chem_comp.formula
BR non-polymer 'BROMIDE ION' 'Br -1'
SO4 non-polymer 'SULFATE ION' 'O4 S -2'
#
# COMPACT_ATOMS: atom_id res chain seq x y z
N THR A 15 -16.14 -18.01 9.39
CA THR A 15 -15.23 -16.91 9.12
C THR A 15 -14.07 -17.43 8.27
N GLU A 16 -13.84 -18.75 8.36
CA GLU A 16 -12.99 -19.42 7.38
C GLU A 16 -13.62 -19.38 5.99
N ASP A 17 -14.94 -19.52 5.91
CA ASP A 17 -15.59 -19.50 4.60
C ASP A 17 -15.95 -18.09 4.14
N ASP A 18 -15.88 -17.09 5.03
CA ASP A 18 -15.72 -15.71 4.57
C ASP A 18 -14.65 -15.62 3.49
N GLN A 19 -13.46 -16.16 3.77
CA GLN A 19 -12.28 -15.85 2.96
C GLN A 19 -11.98 -16.89 1.88
N LEU A 20 -12.84 -17.85 1.62
CA LEU A 20 -12.48 -18.71 0.51
C LEU A 20 -12.70 -18.01 -0.83
N ILE A 21 -11.92 -18.45 -1.80
CA ILE A 21 -11.98 -18.00 -3.19
C ILE A 21 -12.54 -19.18 -3.99
N ALA A 22 -13.69 -18.98 -4.62
CA ALA A 22 -14.32 -20.04 -5.41
C ALA A 22 -14.47 -21.33 -4.60
N GLY A 23 -14.72 -21.20 -3.29
CA GLY A 23 -15.04 -22.33 -2.44
C GLY A 23 -13.88 -23.06 -1.80
N GLN A 24 -12.65 -22.54 -1.88
CA GLN A 24 -11.45 -23.25 -1.39
C GLN A 24 -10.49 -22.29 -0.70
N SER A 25 -9.62 -22.87 0.15
CA SER A 25 -8.62 -22.08 0.88
C SER A 25 -7.63 -21.42 -0.09
N ALA A 26 -7.05 -20.30 0.37
CA ALA A 26 -6.15 -19.54 -0.50
C ALA A 26 -4.94 -20.39 -0.92
N ARG A 27 -4.37 -21.15 0.02
CA ARG A 27 -3.21 -21.97 -0.33
C ARG A 27 -3.59 -23.09 -1.29
N ALA A 28 -4.78 -23.68 -1.12
CA ALA A 28 -5.26 -24.71 -2.03
C ALA A 28 -5.43 -24.17 -3.44
N ILE A 29 -5.85 -22.91 -3.58
CA ILE A 29 -5.97 -22.29 -4.90
C ILE A 29 -4.58 -22.17 -5.54
N MET A 30 -3.60 -21.65 -4.78
CA MET A 30 -2.25 -21.54 -5.32
C MET A 30 -1.73 -22.89 -5.80
N ALA A 31 -2.00 -23.96 -5.03
CA ALA A 31 -1.53 -25.30 -5.40
C ALA A 31 -2.21 -25.81 -6.66
N GLN A 32 -3.37 -25.29 -7.03
CA GLN A 32 -4.09 -25.79 -8.19
C GLN A 32 -4.01 -24.88 -9.40
N LEU A 33 -3.21 -23.81 -9.33
CA LEU A 33 -3.09 -22.91 -10.47
C LEU A 33 -2.53 -23.65 -11.68
N PRO A 34 -2.90 -23.23 -12.89
CA PRO A 34 -2.36 -23.88 -14.09
C PRO A 34 -0.84 -23.71 -14.18
N GLN A 35 -0.22 -24.71 -14.78
CA GLN A 35 1.24 -24.79 -14.89
C GLN A 35 1.85 -23.47 -15.37
N GLU A 36 1.21 -22.77 -16.31
CA GLU A 36 1.78 -21.51 -16.78
C GLU A 36 1.92 -20.51 -15.65
N GLN A 37 0.89 -20.37 -14.82
CA GLN A 37 0.96 -19.47 -13.68
C GLN A 37 2.01 -19.95 -12.69
N LYS A 38 2.01 -21.26 -12.40
CA LYS A 38 2.97 -21.80 -11.46
C LYS A 38 4.40 -21.56 -11.92
N ALA A 39 4.63 -21.63 -13.23
CA ALA A 39 5.97 -21.39 -13.77
C ALA A 39 6.36 -19.92 -13.68
N LYS A 40 5.41 -19.01 -13.87
CA LYS A 40 5.72 -17.61 -13.69
C LYS A 40 6.00 -17.32 -12.22
N ILE A 41 5.27 -17.96 -11.32
CA ILE A 41 5.53 -17.79 -9.91
C ILE A 41 6.90 -18.35 -9.56
N ALA A 42 7.25 -19.53 -10.10
CA ALA A 42 8.52 -20.17 -9.78
C ALA A 42 9.69 -19.31 -10.19
N GLU A 43 9.55 -18.57 -11.30
CA GLU A 43 10.63 -17.67 -11.70
C GLU A 43 10.83 -16.55 -10.68
N GLN A 44 9.73 -16.05 -10.08
CA GLN A 44 9.88 -15.03 -9.04
C GLN A 44 10.49 -15.61 -7.79
N VAL A 45 10.04 -16.80 -7.40
CA VAL A 45 10.58 -17.48 -6.23
C VAL A 45 12.09 -17.66 -6.37
N ALA A 46 12.54 -18.12 -7.55
CA ALA A 46 13.97 -18.29 -7.80
C ALA A 46 14.70 -16.95 -7.67
N SER A 47 14.12 -15.89 -8.22
CA SER A 47 14.66 -14.56 -8.00
C SER A 47 14.70 -14.23 -6.51
N PHE A 48 13.69 -14.67 -5.75
CA PHE A 48 13.71 -14.40 -4.32
C PHE A 48 14.85 -15.15 -3.63
N GLN A 49 15.14 -16.36 -4.09
CA GLN A 49 16.17 -17.17 -3.46
C GLN A 49 17.55 -16.57 -3.69
N GLU A 50 17.77 -15.86 -4.81
CA GLU A 50 18.99 -15.09 -4.98
C GLU A 50 19.16 -14.05 -3.88
N GLU A 51 18.08 -13.33 -3.53
CA GLU A 51 18.20 -12.33 -2.46
C GLU A 51 18.33 -13.00 -1.10
N LYS A 52 17.68 -14.15 -0.91
CA LYS A 52 17.94 -14.88 0.31
C LYS A 52 19.40 -15.34 0.38
N SER A 53 20.02 -15.64 -0.76
CA SER A 53 21.43 -16.05 -0.79
C SER A 53 22.33 -14.93 -0.28
N LYS A 54 22.06 -13.69 -0.70
CA LYS A 54 22.83 -12.58 -0.21
C LYS A 54 22.65 -12.40 1.30
N LEU A 55 21.45 -12.65 1.81
CA LEU A 55 21.22 -12.47 3.24
C LEU A 55 21.87 -13.58 4.05
N ASP A 56 21.81 -14.82 3.55
CA ASP A 56 22.49 -15.91 4.25
C ASP A 56 23.99 -15.66 4.33
N ALA A 57 24.58 -15.18 3.24
CA ALA A 57 26.01 -14.92 3.22
C ALA A 57 26.39 -13.79 4.17
N GLU A 58 25.53 -12.77 4.29
CA GLU A 58 25.83 -11.65 5.17
C GLU A 58 25.70 -12.05 6.64
N VAL A 59 24.58 -12.66 7.03
CA VAL A 59 24.36 -12.97 8.45
C VAL A 59 25.33 -14.04 8.92
N SER A 60 25.79 -14.91 8.03
CA SER A 60 26.74 -15.92 8.44
C SER A 60 28.11 -15.33 8.81
N LYS A 61 28.39 -14.08 8.45
CA LYS A 61 29.61 -13.41 8.91
C LYS A 61 29.58 -13.08 10.41
N TRP A 62 28.40 -12.95 11.02
CA TRP A 62 28.25 -12.35 12.34
C TRP A 62 27.67 -13.33 13.35
N ASP A 63 28.16 -13.26 14.59
CA ASP A 63 27.59 -14.03 15.69
C ASP A 63 26.31 -13.36 16.16
N ASP A 64 25.25 -14.14 16.36
CA ASP A 64 23.97 -13.53 16.68
C ASP A 64 23.78 -13.24 18.17
N SER A 65 24.76 -13.58 19.02
CA SER A 65 24.65 -13.24 20.44
C SER A 65 24.89 -11.75 20.62
N GLY A 66 23.96 -11.09 21.29
CA GLY A 66 24.11 -9.66 21.49
C GLY A 66 24.01 -8.85 20.23
N ASN A 67 23.39 -9.40 19.17
CA ASN A 67 23.12 -8.64 17.94
C ASN A 67 21.72 -9.03 17.47
N ASP A 68 20.72 -8.30 17.99
CA ASP A 68 19.34 -8.58 17.66
C ASP A 68 19.00 -8.18 16.23
N ILE A 69 19.81 -7.32 15.61
CA ILE A 69 19.63 -7.00 14.20
C ILE A 69 19.78 -8.27 13.37
N ILE A 70 20.83 -9.03 13.63
CA ILE A 70 21.02 -10.31 12.94
C ILE A 70 19.88 -11.27 13.27
N VAL A 71 19.50 -11.34 14.55
CA VAL A 71 18.41 -12.22 14.95
C VAL A 71 17.12 -11.86 14.20
N LEU A 72 16.82 -10.56 14.10
CA LEU A 72 15.56 -10.12 13.48
C LEU A 72 15.61 -10.33 11.96
N ALA A 73 16.77 -10.07 11.36
CA ALA A 73 16.99 -10.36 9.96
C ALA A 73 16.66 -11.81 9.64
N LYS A 74 17.20 -12.74 10.44
CA LYS A 74 16.96 -14.16 10.19
C LYS A 74 15.48 -14.49 10.35
N GLN A 75 14.83 -13.85 11.31
CA GLN A 75 13.44 -14.22 11.55
C GLN A 75 12.50 -13.57 10.52
N MET A 76 12.86 -12.38 10.02
CA MET A 76 12.13 -11.81 8.89
C MET A 76 12.28 -12.68 7.65
N CYS A 77 13.50 -13.16 7.41
CA CYS A 77 13.74 -14.00 6.24
C CYS A 77 12.94 -15.28 6.31
N MET A 78 12.84 -15.88 7.50
CA MET A 78 12.17 -17.17 7.59
C MET A 78 10.65 -17.01 7.45
N ILE A 79 10.08 -15.87 7.85
CA ILE A 79 8.66 -15.68 7.64
C ILE A 79 8.38 -15.44 6.15
N MET A 80 9.23 -14.64 5.48
CA MET A 80 9.11 -14.46 4.04
C MET A 80 9.17 -15.77 3.27
N MET A 81 9.98 -16.73 3.73
CA MET A 81 9.99 -18.05 3.08
C MET A 81 8.66 -18.76 3.23
N GLU A 82 7.97 -18.54 4.35
CA GLU A 82 6.63 -19.09 4.49
C GLU A 82 5.67 -18.47 3.48
N MET A 83 5.84 -17.18 3.18
CA MET A 83 4.97 -16.52 2.21
C MET A 83 5.29 -16.99 0.81
N THR A 84 6.59 -17.06 0.49
CA THR A 84 7.07 -17.63 -0.76
C THR A 84 6.52 -19.04 -0.98
N ASP A 85 6.55 -19.86 0.06
CA ASP A 85 5.97 -21.20 -0.04
C ASP A 85 4.47 -21.12 -0.29
N PHE A 86 3.80 -20.14 0.33
CA PHE A 86 2.38 -20.01 0.14
C PHE A 86 2.02 -19.79 -1.34
N THR A 87 2.82 -18.98 -2.06
CA THR A 87 2.50 -18.72 -3.47
C THR A 87 2.65 -19.97 -4.33
N ARG A 88 3.38 -20.98 -3.85
CA ARG A 88 3.45 -22.27 -4.52
C ARG A 88 2.44 -23.25 -3.97
N GLY A 89 1.58 -22.83 -3.05
CA GLY A 89 0.60 -23.75 -2.51
C GLY A 89 1.13 -24.65 -1.43
N LYS A 90 2.19 -24.24 -0.74
CA LYS A 90 2.86 -25.05 0.26
C LYS A 90 3.09 -24.22 1.51
N GLY A 91 3.71 -24.85 2.51
CA GLY A 91 4.05 -24.18 3.73
C GLY A 91 2.89 -24.07 4.69
N PRO A 92 3.10 -23.37 5.81
CA PRO A 92 2.10 -23.35 6.88
C PRO A 92 0.97 -22.35 6.70
N LEU A 93 1.02 -21.45 5.73
CA LEU A 93 0.01 -20.40 5.63
C LEU A 93 -1.14 -20.91 4.76
N LYS A 94 -2.34 -21.05 5.36
CA LYS A 94 -3.45 -21.70 4.69
C LYS A 94 -4.44 -20.73 4.07
N ASN A 95 -4.85 -19.71 4.83
CA ASN A 95 -5.86 -18.76 4.37
C ASN A 95 -5.25 -17.38 4.25
N THR A 96 -6.01 -16.46 3.64
CA THR A 96 -5.51 -15.11 3.48
C THR A 96 -5.14 -14.51 4.82
N SER A 97 -5.92 -14.80 5.86
CA SER A 97 -5.67 -14.21 7.16
C SER A 97 -4.31 -14.61 7.72
N ASP A 98 -3.87 -15.84 7.43
CA ASP A 98 -2.52 -16.26 7.81
C ASP A 98 -1.45 -15.47 7.07
N VAL A 99 -1.67 -15.20 5.78
CA VAL A 99 -0.68 -14.41 5.06
C VAL A 99 -0.63 -13.00 5.62
N ILE A 100 -1.80 -12.43 5.93
CA ILE A 100 -1.86 -11.09 6.51
C ILE A 100 -1.10 -11.05 7.82
N SER A 101 -1.32 -12.06 8.67
CA SER A 101 -0.69 -12.10 9.97
C SER A 101 0.82 -12.30 9.84
N ALA A 102 1.25 -13.13 8.89
CA ALA A 102 2.68 -13.27 8.63
C ALA A 102 3.30 -11.93 8.20
N ALA A 103 2.63 -11.19 7.32
CA ALA A 103 3.11 -9.84 7.00
C ALA A 103 3.21 -8.99 8.26
N LYS A 104 2.20 -9.09 9.14
CA LYS A 104 2.21 -8.31 10.38
C LYS A 104 3.41 -8.65 11.25
N LYS A 105 3.71 -9.94 11.45
CA LYS A 105 4.89 -10.31 12.22
C LYS A 105 6.13 -9.70 11.60
N ILE A 106 6.28 -9.82 10.27
CA ILE A 106 7.44 -9.26 9.59
C ILE A 106 7.54 -7.75 9.85
N ALA A 107 6.42 -7.04 9.77
CA ALA A 107 6.45 -5.60 10.03
C ALA A 107 6.82 -5.29 11.48
N GLU A 108 6.41 -6.13 12.43
CA GLU A 108 6.84 -5.95 13.82
C GLU A 108 8.35 -6.09 13.94
N ALA A 109 8.89 -7.17 13.37
CA ALA A 109 10.32 -7.39 13.40
C ALA A 109 11.07 -6.25 12.71
N GLY A 110 10.52 -5.76 11.59
CA GLY A 110 11.13 -4.62 10.93
C GLY A 110 11.10 -3.37 11.78
N SER A 111 9.99 -3.13 12.49
CA SER A 111 9.94 -1.99 13.41
C SER A 111 10.99 -2.12 14.50
N ARG A 112 11.18 -3.33 15.04
CA ARG A 112 12.26 -3.51 16.01
C ARG A 112 13.63 -3.34 15.36
N MET A 113 13.80 -3.82 14.12
CA MET A 113 15.10 -3.60 13.49
C MET A 113 15.31 -2.11 13.25
N ASP A 114 14.24 -1.38 12.94
CA ASP A 114 14.41 0.04 12.66
CA ASP A 114 14.38 0.05 12.68
C ASP A 114 14.77 0.82 13.94
N LYS A 115 14.29 0.38 15.11
CA LYS A 115 14.70 1.06 16.34
C LYS A 115 16.20 0.91 16.57
N LEU A 116 16.69 -0.34 16.64
CA LEU A 116 18.13 -0.59 16.77
C LEU A 116 18.94 0.19 15.73
N GLY A 117 18.52 0.14 14.47
CA GLY A 117 19.26 0.83 13.43
C GLY A 117 19.34 2.33 13.64
N ARG A 118 18.25 2.94 14.12
CA ARG A 118 18.25 4.38 14.34
C ARG A 118 19.12 4.77 15.53
N THR A 119 19.20 3.90 16.53
CA THR A 119 20.15 4.11 17.63
C THR A 119 21.58 4.15 17.11
N ILE A 120 21.96 3.14 16.33
CA ILE A 120 23.28 3.12 15.69
C ILE A 120 23.48 4.38 14.84
N ALA A 121 22.45 4.81 14.11
CA ALA A 121 22.64 5.97 13.26
C ALA A 121 22.89 7.23 14.08
N ASP A 122 22.14 7.41 15.16
CA ASP A 122 22.26 8.65 15.93
C ASP A 122 23.64 8.79 16.58
N HIS A 123 24.26 7.68 16.97
CA HIS A 123 25.60 7.67 17.53
C HIS A 123 26.70 7.62 16.47
N CYS A 124 26.37 7.93 15.21
CA CYS A 124 27.36 7.90 14.13
C CYS A 124 27.55 9.31 13.59
N PRO A 125 28.78 9.84 13.60
CA PRO A 125 29.01 11.21 13.14
C PRO A 125 29.53 11.26 11.71
N ASP A 126 29.84 10.10 11.13
CA ASP A 126 30.15 10.05 9.71
C ASP A 126 28.85 10.27 8.94
N SER A 127 28.76 11.44 8.29
CA SER A 127 27.50 11.87 7.68
C SER A 127 27.03 10.90 6.60
N ALA A 128 27.93 10.52 5.68
CA ALA A 128 27.51 9.67 4.57
C ALA A 128 27.09 8.29 5.08
N CYS A 129 27.77 7.77 6.11
CA CYS A 129 27.38 6.48 6.68
C CYS A 129 26.06 6.60 7.42
N LYS A 130 25.86 7.72 8.11
CA LYS A 130 24.57 7.99 8.75
C LYS A 130 23.45 7.96 7.72
N GLN A 131 23.61 8.71 6.63
CA GLN A 131 22.53 8.85 5.65
C GLN A 131 22.23 7.54 4.96
N ASP A 132 23.27 6.79 4.57
CA ASP A 132 23.06 5.49 3.94
C ASP A 132 22.23 4.58 4.84
N LEU A 133 22.62 4.47 6.11
CA LEU A 133 21.89 3.64 7.06
C LEU A 133 20.43 4.06 7.15
N LEU A 134 20.19 5.37 7.29
CA LEU A 134 18.83 5.85 7.48
C LEU A 134 17.97 5.61 6.26
N ALA A 135 18.56 5.68 5.06
CA ALA A 135 17.82 5.44 3.84
C ALA A 135 17.44 3.97 3.71
N TYR A 136 18.33 3.06 4.10
CA TYR A 136 17.97 1.65 4.08
C TYR A 136 16.89 1.34 5.11
N LEU A 137 16.86 2.04 6.24
CA LEU A 137 15.78 1.81 7.18
C LEU A 137 14.44 2.34 6.65
N GLN A 138 14.45 3.36 5.80
CA GLN A 138 13.22 3.75 5.13
C GLN A 138 12.75 2.66 4.19
N ARG A 139 13.69 1.96 3.52
CA ARG A 139 13.30 0.88 2.61
C ARG A 139 12.68 -0.27 3.37
N ILE A 140 13.21 -0.58 4.55
CA ILE A 140 12.60 -1.59 5.40
C ILE A 140 11.15 -1.23 5.71
N ALA A 141 10.91 0.02 6.07
CA ALA A 141 9.54 0.45 6.39
C ALA A 141 8.66 0.36 5.14
N LEU A 142 9.15 0.88 4.02
CA LEU A 142 8.40 0.89 2.76
C LEU A 142 7.98 -0.53 2.38
N TYR A 143 8.93 -1.47 2.37
CA TYR A 143 8.60 -2.81 1.87
C TYR A 143 7.91 -3.67 2.92
N CYS A 144 8.09 -3.39 4.21
CA CYS A 144 7.20 -3.97 5.23
C CYS A 144 5.76 -3.53 5.02
N HIS A 145 5.56 -2.24 4.71
CA HIS A 145 4.23 -1.79 4.37
C HIS A 145 3.74 -2.46 3.08
N GLN A 146 4.61 -2.55 2.08
CA GLN A 146 4.21 -3.14 0.80
C GLN A 146 3.82 -4.59 0.99
N LEU A 147 4.57 -5.32 1.82
CA LEU A 147 4.19 -6.70 2.10
C LEU A 147 2.83 -6.78 2.78
N ASN A 148 2.57 -5.86 3.73
CA ASN A 148 1.26 -5.78 4.36
C ASN A 148 0.17 -5.57 3.31
N ILE A 149 0.39 -4.62 2.40
CA ILE A 149 -0.59 -4.32 1.37
C ILE A 149 -0.80 -5.52 0.46
N CYS A 150 0.31 -6.11 0.00
CA CYS A 150 0.23 -7.20 -0.96
C CYS A 150 -0.36 -8.45 -0.36
N SER A 151 -0.27 -8.62 0.96
CA SER A 151 -0.79 -9.82 1.59
C SER A 151 -2.29 -9.83 1.67
N LYS A 152 -2.96 -8.70 1.43
CA LYS A 152 -4.42 -8.63 1.45
C LYS A 152 -5.03 -8.79 0.06
N VAL A 153 -4.23 -8.90 -0.99
CA VAL A 153 -4.71 -9.06 -2.35
C VAL A 153 -4.86 -10.55 -2.64
N LYS A 154 -6.12 -10.99 -2.80
CA LYS A 154 -6.46 -12.38 -3.07
C LYS A 154 -6.34 -12.71 -4.57
N ALA A 155 -6.14 -14.00 -4.86
CA ALA A 155 -6.36 -14.50 -6.21
C ALA A 155 -7.77 -14.13 -6.66
N GLU A 156 -7.94 -13.95 -7.96
CA GLU A 156 -9.16 -13.38 -8.53
C GLU A 156 -9.74 -14.30 -9.60
N VAL A 157 -11.04 -14.17 -9.82
CA VAL A 157 -11.77 -14.94 -10.83
C VAL A 157 -12.04 -14.05 -12.03
N GLN A 158 -11.78 -14.57 -13.24
CA GLN A 158 -11.89 -13.81 -14.47
C GLN A 158 -12.77 -14.55 -15.47
N ASN A 159 -13.61 -13.81 -16.19
CA ASN A 159 -14.36 -14.34 -17.32
C ASN A 159 -13.48 -14.35 -18.56
N LEU A 160 -13.26 -15.53 -19.13
CA LEU A 160 -12.42 -15.66 -20.31
C LEU A 160 -13.02 -16.72 -21.21
N GLY A 161 -13.39 -16.34 -22.43
CA GLY A 161 -13.99 -17.29 -23.37
C GLY A 161 -15.09 -18.16 -22.80
N GLY A 162 -16.09 -17.53 -22.16
CA GLY A 162 -17.21 -18.28 -21.64
C GLY A 162 -16.87 -19.26 -20.55
N GLU A 163 -15.73 -19.06 -19.87
CA GLU A 163 -15.52 -19.75 -18.62
C GLU A 163 -15.05 -18.76 -17.57
N LEU A 164 -15.25 -19.16 -16.32
CA LEU A 164 -14.79 -18.43 -15.16
C LEU A 164 -13.49 -19.10 -14.77
N VAL A 165 -12.37 -18.36 -14.85
CA VAL A 165 -11.05 -18.93 -14.53
C VAL A 165 -10.41 -18.18 -13.37
N VAL A 166 -9.54 -18.89 -12.65
CA VAL A 166 -8.85 -18.36 -11.48
C VAL A 166 -7.46 -17.87 -11.88
N SER A 167 -7.15 -16.62 -11.55
CA SER A 167 -5.79 -16.12 -11.74
C SER A 167 -5.24 -15.68 -10.40
N GLY A 168 -4.14 -16.29 -9.98
CA GLY A 168 -3.42 -15.84 -8.82
C GLY A 168 -1.99 -15.39 -9.11
N VAL A 169 -1.59 -15.36 -10.38
CA VAL A 169 -0.19 -15.08 -10.70
C VAL A 169 0.19 -13.66 -10.30
N ASP A 170 -0.68 -12.67 -10.55
CA ASP A 170 -0.31 -11.28 -10.27
C ASP A 170 -0.15 -11.02 -8.78
N SER A 171 -1.07 -11.53 -7.96
CA SER A 171 -0.98 -11.28 -6.53
C SER A 171 0.22 -11.99 -5.93
N ALA A 172 0.48 -13.22 -6.38
CA ALA A 172 1.66 -13.95 -5.95
C ALA A 172 2.94 -13.21 -6.30
N MET A 173 3.03 -12.70 -7.53
CA MET A 173 4.29 -12.08 -7.97
C MET A 173 4.54 -10.74 -7.28
N SER A 174 3.48 -9.96 -7.04
CA SER A 174 3.65 -8.71 -6.30
C SER A 174 4.09 -8.96 -4.87
N LEU A 175 3.48 -9.96 -4.21
CA LEU A 175 3.90 -10.36 -2.88
C LEU A 175 5.37 -10.79 -2.88
N ILE A 176 5.74 -11.67 -3.79
CA ILE A 176 7.13 -12.11 -3.84
C ILE A 176 8.04 -10.92 -4.11
N GLN A 177 7.63 -10.01 -5.00
CA GLN A 177 8.47 -8.86 -5.33
C GLN A 177 8.67 -7.97 -4.11
N ALA A 178 7.61 -7.78 -3.31
CA ALA A 178 7.79 -6.97 -2.11
C ALA A 178 8.77 -7.62 -1.15
N ALA A 179 8.68 -8.95 -1.00
CA ALA A 179 9.60 -9.67 -0.13
C ALA A 179 11.03 -9.57 -0.65
N LYS A 180 11.24 -9.69 -1.97
CA LYS A 180 12.58 -9.55 -2.54
C LYS A 180 13.18 -8.21 -2.18
N ASN A 181 12.39 -7.15 -2.34
CA ASN A 181 12.87 -5.81 -2.03
C ASN A 181 13.13 -5.65 -0.54
N LEU A 182 12.27 -6.21 0.33
CA LEU A 182 12.52 -6.16 1.76
C LEU A 182 13.81 -6.90 2.11
N MET A 183 13.97 -8.13 1.60
CA MET A 183 15.20 -8.87 1.78
C MET A 183 16.41 -8.00 1.46
N ASN A 184 16.38 -7.33 0.29
CA ASN A 184 17.51 -6.49 -0.07
C ASN A 184 17.71 -5.35 0.92
N ALA A 185 16.62 -4.75 1.39
CA ALA A 185 16.72 -3.67 2.37
C ALA A 185 17.30 -4.18 3.68
N VAL A 186 17.01 -5.41 4.06
CA VAL A 186 17.57 -5.96 5.28
C VAL A 186 19.08 -6.18 5.12
N VAL A 187 19.50 -6.72 3.97
CA VAL A 187 20.93 -6.92 3.72
C VAL A 187 21.69 -5.61 3.82
N GLN A 188 21.18 -4.58 3.14
CA GLN A 188 21.82 -3.27 3.18
C GLN A 188 21.82 -2.71 4.59
N THR A 189 20.73 -2.94 5.33
CA THR A 189 20.68 -2.44 6.70
C THR A 189 21.70 -3.14 7.60
N VAL A 190 21.84 -4.46 7.48
CA VAL A 190 22.84 -5.18 8.25
C VAL A 190 24.23 -4.65 7.93
N LYS A 191 24.58 -4.60 6.64
CA LYS A 191 25.89 -4.06 6.23
C LYS A 191 26.10 -2.65 6.76
N ALA A 192 25.10 -1.78 6.57
CA ALA A 192 25.30 -0.38 6.91
C ALA A 192 25.26 -0.16 8.41
N SER A 193 24.60 -1.04 9.17
CA SER A 193 24.62 -0.94 10.63
C SER A 193 26.02 -1.27 11.16
N TYR A 194 26.63 -2.34 10.66
CA TYR A 194 28.00 -2.65 11.05
C TYR A 194 28.93 -1.50 10.72
N VAL A 195 28.89 -1.00 9.48
CA VAL A 195 29.74 0.12 9.09
C VAL A 195 29.53 1.30 10.04
N ALA A 196 28.27 1.73 10.21
CA ALA A 196 28.02 2.89 11.07
C ALA A 196 28.50 2.66 12.49
N SER A 197 28.48 1.43 12.98
CA SER A 197 28.92 1.16 14.34
C SER A 197 30.41 1.40 14.51
N THR A 198 31.22 1.01 13.51
CA THR A 198 32.66 1.20 13.55
C THR A 198 33.07 2.66 13.46
N LYS A 199 32.10 3.57 13.35
CA LYS A 199 32.40 4.99 13.33
C LYS A 199 31.80 5.69 14.55
N TYR A 200 31.38 4.92 15.56
CA TYR A 200 30.90 5.45 16.83
C TYR A 200 32.00 6.25 17.53
N PRO A 212 27.20 0.10 23.12
CA PRO A 212 26.48 -0.37 21.91
C PRO A 212 25.56 -1.55 22.19
N ALA A 213 24.25 -1.32 22.05
CA ALA A 213 23.26 -2.40 22.23
C ALA A 213 23.46 -3.54 21.23
N VAL A 214 24.28 -3.36 20.20
CA VAL A 214 24.50 -4.36 19.16
C VAL A 214 26.00 -4.62 19.03
N SER A 215 26.42 -5.83 19.38
CA SER A 215 27.83 -6.20 19.23
C SER A 215 28.06 -6.85 17.87
N TRP A 216 29.09 -6.39 17.18
CA TRP A 216 29.48 -6.89 15.86
C TRP A 216 30.72 -7.77 16.04
N LYS A 217 30.46 -9.01 16.42
CA LYS A 217 31.48 -10.04 16.58
C LYS A 217 31.50 -10.91 15.34
N MET A 218 32.62 -10.90 14.62
CA MET A 218 32.80 -11.83 13.52
C MET A 218 32.63 -13.27 14.00
N LYS A 219 32.21 -14.15 13.11
CA LYS A 219 31.81 -15.49 13.52
C LYS A 219 32.95 -16.50 13.39
N SER B 5 -34.14 17.47 10.07
CA SER B 5 -34.34 16.44 9.06
C SER B 5 -33.68 16.82 7.72
N PRO B 6 -33.24 15.81 6.94
CA PRO B 6 -32.56 16.10 5.67
C PRO B 6 -33.39 17.01 4.76
N GLU B 7 -32.68 17.84 4.00
CA GLU B 7 -33.30 18.75 3.06
C GLU B 7 -34.01 18.01 1.94
N PHE B 8 -35.22 18.44 1.62
CA PHE B 8 -35.87 17.99 0.40
C PHE B 8 -35.36 18.78 -0.80
N SER B 9 -35.32 18.12 -1.96
CA SER B 9 -34.92 18.76 -3.19
C SER B 9 -35.64 18.07 -4.34
N ARG B 10 -35.53 18.65 -5.53
CA ARG B 10 -36.08 18.03 -6.73
C ARG B 10 -35.16 16.89 -7.17
N THR B 11 -35.75 15.70 -7.33
CA THR B 11 -35.00 14.49 -7.65
C THR B 11 -35.63 13.80 -8.86
N SER B 12 -34.89 12.84 -9.43
CA SER B 12 -35.33 12.14 -10.64
C SER B 12 -35.63 10.66 -10.36
N LEU B 20 -39.97 15.95 -11.98
CA LEU B 20 -39.17 15.99 -10.75
C LEU B 20 -40.08 16.03 -9.51
N ILE B 21 -39.78 15.15 -8.56
CA ILE B 21 -40.56 14.99 -7.35
C ILE B 21 -39.66 15.22 -6.14
N ALA B 22 -40.27 15.61 -5.03
CA ALA B 22 -39.50 15.87 -3.81
C ALA B 22 -38.88 14.57 -3.28
N GLY B 23 -37.64 14.68 -2.82
CA GLY B 23 -36.91 13.55 -2.27
C GLY B 23 -35.76 14.04 -1.42
N GLN B 24 -35.19 13.12 -0.66
CA GLN B 24 -34.02 13.39 0.17
C GLN B 24 -32.84 12.63 -0.41
N SER B 25 -31.89 13.35 -0.98
CA SER B 25 -30.75 12.74 -1.64
C SER B 25 -29.73 12.23 -0.62
N ALA B 26 -28.86 11.35 -1.13
CA ALA B 26 -27.76 10.81 -0.33
C ALA B 26 -26.93 11.92 0.31
N ARG B 27 -26.56 12.94 -0.46
CA ARG B 27 -25.82 14.05 0.12
C ARG B 27 -26.63 14.73 1.22
N ALA B 28 -27.93 14.93 0.98
CA ALA B 28 -28.78 15.51 2.01
C ALA B 28 -28.86 14.63 3.26
N ILE B 29 -28.82 13.31 3.09
CA ILE B 29 -28.89 12.41 4.23
C ILE B 29 -27.59 12.48 5.04
N MET B 30 -26.44 12.49 4.36
CA MET B 30 -25.17 12.69 5.07
C MET B 30 -25.20 13.98 5.88
N ALA B 31 -25.87 15.02 5.35
CA ALA B 31 -25.82 16.34 5.97
C ALA B 31 -26.53 16.38 7.32
N GLN B 32 -27.43 15.45 7.60
CA GLN B 32 -28.18 15.50 8.84
C GLN B 32 -27.94 14.29 9.75
N LEU B 33 -26.95 13.44 9.44
CA LEU B 33 -26.63 12.30 10.28
C LEU B 33 -26.49 12.77 11.73
N PRO B 34 -26.81 11.93 12.71
CA PRO B 34 -26.65 12.34 14.12
C PRO B 34 -25.22 12.80 14.38
N GLN B 35 -25.07 13.80 15.26
CA GLN B 35 -23.75 14.36 15.50
C GLN B 35 -22.78 13.33 16.05
N GLU B 36 -23.27 12.21 16.60
CA GLU B 36 -22.37 11.13 16.96
C GLU B 36 -21.78 10.46 15.71
N GLN B 37 -22.61 10.27 14.68
CA GLN B 37 -22.11 9.74 13.41
C GLN B 37 -21.21 10.75 12.73
N LYS B 38 -21.58 12.05 12.76
CA LYS B 38 -20.76 13.07 12.13
C LYS B 38 -19.41 13.22 12.81
N ALA B 39 -19.34 12.94 14.11
CA ALA B 39 -18.07 13.09 14.82
C ALA B 39 -17.07 12.02 14.39
N LYS B 40 -17.52 10.77 14.24
CA LYS B 40 -16.63 9.75 13.70
C LYS B 40 -16.20 10.06 12.26
N ILE B 41 -17.06 10.71 11.48
CA ILE B 41 -16.69 11.02 10.11
C ILE B 41 -15.67 12.15 10.07
N ALA B 42 -15.84 13.16 10.92
CA ALA B 42 -14.90 14.27 11.00
C ALA B 42 -13.50 13.79 11.39
N GLU B 43 -13.44 12.88 12.36
CA GLU B 43 -12.18 12.25 12.75
C GLU B 43 -11.47 11.64 11.53
N GLN B 44 -12.22 10.90 10.71
CA GLN B 44 -11.65 10.31 9.50
C GLN B 44 -11.26 11.38 8.48
N VAL B 45 -12.07 12.43 8.34
CA VAL B 45 -11.75 13.48 7.37
C VAL B 45 -10.52 14.25 7.82
N ALA B 46 -10.35 14.45 9.14
CA ALA B 46 -9.17 15.15 9.65
C ALA B 46 -7.90 14.43 9.23
N SER B 47 -7.84 13.12 9.46
CA SER B 47 -6.67 12.36 9.05
C SER B 47 -6.50 12.35 7.54
N PHE B 48 -7.61 12.42 6.79
CA PHE B 48 -7.49 12.58 5.33
C PHE B 48 -6.87 13.93 4.99
N GLN B 49 -7.24 14.98 5.73
CA GLN B 49 -6.73 16.32 5.45
C GLN B 49 -5.21 16.35 5.60
N GLU B 50 -4.69 15.68 6.62
CA GLU B 50 -3.24 15.56 6.80
C GLU B 50 -2.57 15.04 5.54
N GLU B 51 -3.08 13.94 4.98
CA GLU B 51 -2.46 13.42 3.77
C GLU B 51 -2.57 14.42 2.63
N LYS B 52 -3.69 15.15 2.57
CA LYS B 52 -3.87 16.08 1.46
C LYS B 52 -2.94 17.27 1.57
N SER B 53 -2.65 17.73 2.79
CA SER B 53 -1.61 18.74 2.96
C SER B 53 -0.33 18.33 2.24
N LYS B 54 0.17 17.12 2.59
CA LYS B 54 1.42 16.63 2.04
C LYS B 54 1.44 16.68 0.52
N LEU B 55 0.29 16.47 -0.13
CA LEU B 55 0.25 16.64 -1.58
C LEU B 55 0.33 18.12 -1.96
N ASP B 56 -0.28 19.00 -1.17
CA ASP B 56 -0.23 20.43 -1.47
C ASP B 56 1.21 20.94 -1.47
N ALA B 57 1.96 20.60 -0.42
CA ALA B 57 3.35 21.04 -0.32
C ALA B 57 4.15 20.53 -1.52
N GLU B 58 3.95 19.26 -1.89
CA GLU B 58 4.79 18.64 -2.90
C GLU B 58 4.53 19.25 -4.28
N VAL B 59 3.26 19.41 -4.67
CA VAL B 59 2.98 19.95 -5.99
C VAL B 59 3.13 21.47 -6.05
N SER B 60 3.15 22.15 -4.90
CA SER B 60 3.50 23.57 -4.93
C SER B 60 4.90 23.76 -5.49
N LYS B 61 5.79 22.80 -5.25
CA LYS B 61 7.20 22.88 -5.59
C LYS B 61 7.48 22.67 -7.08
N TRP B 62 6.46 22.64 -7.94
CA TRP B 62 6.71 22.25 -9.32
C TRP B 62 5.79 23.00 -10.28
N ASP B 63 6.22 23.07 -11.54
CA ASP B 63 5.48 23.69 -12.61
C ASP B 63 4.77 22.62 -13.43
N ASP B 64 3.47 22.80 -13.66
CA ASP B 64 2.61 21.79 -14.29
C ASP B 64 2.75 21.71 -15.81
N SER B 65 3.70 22.41 -16.42
CA SER B 65 3.84 22.38 -17.86
C SER B 65 4.66 21.15 -18.26
N GLY B 66 4.07 20.29 -19.08
CA GLY B 66 4.72 19.08 -19.55
C GLY B 66 4.84 17.97 -18.53
N ASN B 67 4.48 18.22 -17.27
CA ASN B 67 4.56 17.23 -16.19
C ASN B 67 3.16 16.69 -15.91
N ASP B 68 2.71 15.80 -16.79
CA ASP B 68 1.37 15.23 -16.65
C ASP B 68 1.21 14.38 -15.39
N ILE B 69 2.32 13.98 -14.75
CA ILE B 69 2.21 13.32 -13.45
C ILE B 69 1.59 14.27 -12.43
N ILE B 70 2.08 15.51 -12.39
CA ILE B 70 1.57 16.46 -11.40
C ILE B 70 0.19 16.97 -11.79
N VAL B 71 -0.04 17.16 -13.09
CA VAL B 71 -1.37 17.54 -13.55
C VAL B 71 -2.39 16.52 -13.04
N LEU B 72 -2.09 15.23 -13.23
CA LEU B 72 -3.02 14.17 -12.83
C LEU B 72 -3.20 14.11 -11.33
N ALA B 73 -2.14 14.41 -10.56
CA ALA B 73 -2.23 14.34 -9.11
C ALA B 73 -3.20 15.37 -8.55
N LYS B 74 -3.18 16.59 -9.09
CA LYS B 74 -4.15 17.58 -8.62
C LYS B 74 -5.55 17.25 -9.10
N GLN B 75 -5.68 16.63 -10.27
CA GLN B 75 -6.98 16.16 -10.71
C GLN B 75 -7.55 15.13 -9.73
N MET B 76 -6.71 14.17 -9.33
CA MET B 76 -7.19 13.14 -8.40
C MET B 76 -7.51 13.73 -7.03
N CYS B 77 -6.67 14.66 -6.57
CA CYS B 77 -6.91 15.30 -5.27
C CYS B 77 -8.24 16.04 -5.26
N MET B 78 -8.55 16.75 -6.35
CA MET B 78 -9.74 17.60 -6.36
C MET B 78 -11.01 16.75 -6.37
N ILE B 79 -11.05 15.70 -7.20
CA ILE B 79 -12.18 14.78 -7.16
C ILE B 79 -12.28 14.11 -5.79
N MET B 80 -11.13 13.80 -5.17
CA MET B 80 -11.16 13.12 -3.88
C MET B 80 -11.73 14.04 -2.80
N MET B 81 -11.45 15.33 -2.90
CA MET B 81 -12.06 16.28 -1.97
C MET B 81 -13.56 16.42 -2.21
N GLU B 82 -14.01 16.26 -3.46
CA GLU B 82 -15.44 16.22 -3.69
C GLU B 82 -16.07 15.05 -2.95
N MET B 83 -15.33 13.94 -2.83
CA MET B 83 -15.89 12.74 -2.20
C MET B 83 -15.95 12.87 -0.69
N THR B 84 -14.86 13.35 -0.08
CA THR B 84 -14.88 13.55 1.37
C THR B 84 -15.89 14.62 1.76
N ASP B 85 -16.07 15.63 0.90
CA ASP B 85 -17.11 16.64 1.15
C ASP B 85 -18.49 16.01 1.12
N PHE B 86 -18.73 15.08 0.19
CA PHE B 86 -19.98 14.35 0.17
C PHE B 86 -20.27 13.70 1.53
N THR B 87 -19.25 13.10 2.17
CA THR B 87 -19.52 12.42 3.43
C THR B 87 -19.97 13.40 4.52
N ARG B 88 -19.71 14.68 4.36
CA ARG B 88 -20.19 15.72 5.27
C ARG B 88 -21.45 16.42 4.76
N GLY B 89 -22.02 15.97 3.63
CA GLY B 89 -23.21 16.59 3.10
C GLY B 89 -22.98 17.78 2.22
N LYS B 90 -21.75 17.98 1.72
CA LYS B 90 -21.35 19.18 0.99
C LYS B 90 -20.74 18.79 -0.35
N GLY B 91 -20.38 19.79 -1.14
CA GLY B 91 -19.77 19.57 -2.42
C GLY B 91 -20.78 19.21 -3.49
N PRO B 92 -20.29 18.95 -4.71
CA PRO B 92 -21.17 18.75 -5.86
C PRO B 92 -21.74 17.36 -6.07
N LEU B 93 -21.32 16.35 -5.31
CA LEU B 93 -21.81 14.98 -5.53
C LEU B 93 -23.10 14.81 -4.73
N LYS B 94 -24.23 14.73 -5.44
CA LYS B 94 -25.54 14.73 -4.82
C LYS B 94 -26.03 13.30 -4.57
N ASN B 95 -25.91 12.44 -5.57
CA ASN B 95 -26.45 11.09 -5.58
C ASN B 95 -25.34 10.06 -5.51
N THR B 96 -25.73 8.83 -5.14
CA THR B 96 -24.77 7.74 -5.09
C THR B 96 -24.08 7.57 -6.44
N SER B 97 -24.84 7.75 -7.52
CA SER B 97 -24.27 7.60 -8.85
C SER B 97 -23.21 8.67 -9.13
N ASP B 98 -23.28 9.82 -8.45
CA ASP B 98 -22.24 10.83 -8.58
C ASP B 98 -20.95 10.40 -7.88
N VAL B 99 -21.07 9.77 -6.69
CA VAL B 99 -19.88 9.29 -6.00
C VAL B 99 -19.19 8.21 -6.81
N ILE B 100 -19.98 7.33 -7.41
CA ILE B 100 -19.45 6.23 -8.23
C ILE B 100 -18.74 6.77 -9.46
N SER B 101 -19.36 7.73 -10.15
CA SER B 101 -18.70 8.24 -11.35
C SER B 101 -17.45 9.05 -11.00
N ALA B 102 -17.43 9.68 -9.82
CA ALA B 102 -16.22 10.37 -9.36
C ALA B 102 -15.09 9.37 -9.10
N ALA B 103 -15.39 8.23 -8.47
CA ALA B 103 -14.38 7.20 -8.29
C ALA B 103 -13.88 6.68 -9.63
N LYS B 104 -14.78 6.59 -10.62
CA LYS B 104 -14.41 6.14 -11.96
C LYS B 104 -13.42 7.10 -12.62
N LYS B 105 -13.65 8.41 -12.50
CA LYS B 105 -12.72 9.36 -13.10
C LYS B 105 -11.40 9.40 -12.35
N ILE B 106 -11.43 9.16 -11.04
CA ILE B 106 -10.18 9.00 -10.31
C ILE B 106 -9.40 7.80 -10.83
N ALA B 107 -10.09 6.67 -11.03
CA ALA B 107 -9.43 5.46 -11.49
C ALA B 107 -8.81 5.65 -12.87
N GLU B 108 -9.49 6.38 -13.76
CA GLU B 108 -8.92 6.63 -15.07
C GLU B 108 -7.73 7.57 -15.00
N ALA B 109 -7.77 8.55 -14.11
CA ALA B 109 -6.59 9.38 -13.88
C ALA B 109 -5.44 8.55 -13.35
N GLY B 110 -5.72 7.69 -12.35
CA GLY B 110 -4.69 6.79 -11.85
C GLY B 110 -4.12 5.87 -12.91
N SER B 111 -4.97 5.41 -13.83
CA SER B 111 -4.47 4.61 -14.95
C SER B 111 -3.46 5.41 -15.77
N ARG B 112 -3.79 6.67 -16.07
CA ARG B 112 -2.88 7.52 -16.83
C ARG B 112 -1.61 7.80 -16.03
N MET B 113 -1.75 8.01 -14.72
CA MET B 113 -0.57 8.21 -13.88
C MET B 113 0.29 6.96 -13.82
N ASP B 114 -0.33 5.79 -13.68
CA ASP B 114 0.41 4.53 -13.69
C ASP B 114 1.22 4.40 -14.97
N LYS B 115 0.59 4.71 -16.11
CA LYS B 115 1.27 4.61 -17.41
C LYS B 115 2.54 5.45 -17.41
N LEU B 116 2.40 6.74 -17.16
CA LEU B 116 3.57 7.63 -17.15
C LEU B 116 4.58 7.19 -16.10
N GLY B 117 4.10 6.86 -14.90
CA GLY B 117 5.00 6.37 -13.86
C GLY B 117 5.83 5.18 -14.31
N ARG B 118 5.18 4.19 -14.93
CA ARG B 118 5.90 2.97 -15.30
C ARG B 118 6.95 3.23 -16.37
N THR B 119 6.73 4.19 -17.27
CA THR B 119 7.77 4.50 -18.25
C THR B 119 8.95 5.21 -17.60
N ILE B 120 8.70 6.10 -16.64
CA ILE B 120 9.78 6.70 -15.85
C ILE B 120 10.59 5.63 -15.15
N ALA B 121 9.91 4.70 -14.48
CA ALA B 121 10.60 3.63 -13.77
C ALA B 121 11.45 2.79 -14.71
N ASP B 122 10.90 2.44 -15.87
CA ASP B 122 11.60 1.59 -16.82
C ASP B 122 12.82 2.28 -17.44
N HIS B 123 12.90 3.60 -17.38
CA HIS B 123 14.07 4.34 -17.83
C HIS B 123 14.96 4.74 -16.67
N CYS B 124 14.75 4.17 -15.52
CA CYS B 124 15.59 4.56 -14.41
C CYS B 124 16.68 3.52 -14.21
N PRO B 125 17.93 3.94 -14.08
CA PRO B 125 19.03 2.96 -13.95
C PRO B 125 19.42 2.70 -12.51
N ASP B 126 18.95 3.51 -11.57
CA ASP B 126 19.04 3.15 -10.15
C ASP B 126 17.95 2.12 -9.86
N SER B 127 18.37 0.88 -9.55
CA SER B 127 17.43 -0.20 -9.35
C SER B 127 16.56 0.00 -8.10
N ALA B 128 17.16 0.46 -7.01
CA ALA B 128 16.38 0.71 -5.80
C ALA B 128 15.30 1.74 -6.06
N CYS B 129 15.65 2.85 -6.74
CA CYS B 129 14.67 3.90 -7.01
C CYS B 129 13.58 3.43 -7.96
N LYS B 130 13.95 2.61 -8.94
CA LYS B 130 12.96 2.01 -9.82
C LYS B 130 11.94 1.20 -9.01
N GLN B 131 12.42 0.30 -8.15
CA GLN B 131 11.54 -0.56 -7.37
C GLN B 131 10.64 0.25 -6.45
N ASP B 132 11.19 1.27 -5.76
CA ASP B 132 10.38 2.14 -4.92
C ASP B 132 9.26 2.80 -5.71
N LEU B 133 9.59 3.34 -6.89
CA LEU B 133 8.55 3.97 -7.70
C LEU B 133 7.47 2.96 -8.08
N LEU B 134 7.89 1.76 -8.54
CA LEU B 134 6.91 0.76 -8.95
C LEU B 134 6.03 0.33 -7.77
N ALA B 135 6.59 0.29 -6.56
CA ALA B 135 5.79 -0.11 -5.40
C ALA B 135 4.66 0.87 -5.16
N TYR B 136 4.95 2.18 -5.29
CA TYR B 136 3.94 3.19 -5.06
C TYR B 136 2.89 3.17 -6.17
N LEU B 137 3.32 2.93 -7.40
CA LEU B 137 2.38 2.79 -8.50
C LEU B 137 1.43 1.61 -8.29
N GLN B 138 1.91 0.53 -7.68
CA GLN B 138 1.00 -0.57 -7.33
C GLN B 138 -0.06 -0.11 -6.35
N ARG B 139 0.30 0.79 -5.43
CA ARG B 139 -0.68 1.31 -4.48
C ARG B 139 -1.72 2.19 -5.17
N ILE B 140 -1.29 2.98 -6.16
CA ILE B 140 -2.24 3.74 -6.94
C ILE B 140 -3.31 2.82 -7.50
N ALA B 141 -2.88 1.75 -8.16
CA ALA B 141 -3.83 0.85 -8.81
C ALA B 141 -4.73 0.14 -7.80
N LEU B 142 -4.15 -0.31 -6.68
CA LEU B 142 -4.95 -1.01 -5.67
C LEU B 142 -5.92 -0.06 -4.99
N TYR B 143 -5.49 1.15 -4.70
CA TYR B 143 -6.37 2.05 -3.96
C TYR B 143 -7.43 2.68 -4.85
N CYS B 144 -7.15 2.83 -6.15
CA CYS B 144 -8.20 3.25 -7.09
C CYS B 144 -9.31 2.21 -7.15
N HIS B 145 -8.94 0.94 -7.38
CA HIS B 145 -9.91 -0.15 -7.34
C HIS B 145 -10.67 -0.17 -6.02
N GLN B 146 -9.98 0.08 -4.90
CA GLN B 146 -10.64 0.01 -3.60
C GLN B 146 -11.57 1.20 -3.38
N LEU B 147 -11.21 2.37 -3.88
CA LEU B 147 -12.12 3.51 -3.86
C LEU B 147 -13.36 3.23 -4.69
N ASN B 148 -13.18 2.66 -5.89
CA ASN B 148 -14.32 2.22 -6.70
C ASN B 148 -15.25 1.34 -5.88
N ILE B 149 -14.69 0.31 -5.23
CA ILE B 149 -15.50 -0.58 -4.41
C ILE B 149 -16.26 0.21 -3.36
N CYS B 150 -15.56 1.07 -2.61
CA CYS B 150 -16.20 1.80 -1.51
C CYS B 150 -17.19 2.85 -1.99
N SER B 151 -17.03 3.37 -3.21
CA SER B 151 -17.98 4.35 -3.71
C SER B 151 -19.37 3.77 -3.88
N LYS B 152 -19.49 2.44 -4.03
CA LYS B 152 -20.76 1.75 -4.22
C LYS B 152 -21.45 1.37 -2.92
N VAL B 153 -20.80 1.53 -1.77
CA VAL B 153 -21.42 1.17 -0.50
C VAL B 153 -22.46 2.24 -0.14
N LYS B 154 -23.69 1.80 0.12
CA LYS B 154 -24.78 2.70 0.46
C LYS B 154 -24.91 2.81 1.97
N ALA B 155 -25.63 3.85 2.41
CA ALA B 155 -26.08 3.92 3.78
C ALA B 155 -26.89 2.68 4.15
N GLU B 156 -27.06 2.45 5.43
CA GLU B 156 -27.88 1.33 5.85
C GLU B 156 -29.00 1.76 6.78
N VAL B 157 -30.04 0.95 6.82
CA VAL B 157 -31.17 1.11 7.72
C VAL B 157 -31.26 -0.12 8.60
N GLN B 158 -31.59 0.09 9.86
CA GLN B 158 -31.66 -0.99 10.84
C GLN B 158 -32.87 -0.76 11.74
N ASN B 159 -33.69 -1.78 11.90
CA ASN B 159 -34.75 -1.72 12.89
C ASN B 159 -34.13 -1.77 14.30
N LEU B 160 -34.12 -0.62 15.01
CA LEU B 160 -33.76 -0.58 16.42
C LEU B 160 -34.62 0.45 17.16
N GLY B 161 -35.01 0.12 18.39
CA GLY B 161 -35.74 1.07 19.22
C GLY B 161 -37.16 1.33 18.78
N GLY B 162 -37.75 0.42 18.00
CA GLY B 162 -39.04 0.68 17.41
C GLY B 162 -39.02 1.69 16.30
N GLU B 163 -37.82 2.04 15.79
CA GLU B 163 -37.65 2.89 14.62
C GLU B 163 -36.80 2.20 13.58
N LEU B 164 -37.02 2.53 12.31
CA LEU B 164 -36.12 2.17 11.22
C LEU B 164 -35.11 3.32 11.09
N VAL B 165 -33.89 3.12 11.60
CA VAL B 165 -32.95 4.25 11.71
C VAL B 165 -31.87 4.17 10.63
N VAL B 166 -31.47 5.33 10.17
CA VAL B 166 -30.52 5.46 9.07
C VAL B 166 -29.12 5.67 9.64
N SER B 167 -28.14 4.96 9.07
CA SER B 167 -26.75 5.18 9.43
C SER B 167 -25.93 5.25 8.17
N GLY B 168 -25.17 6.34 8.03
CA GLY B 168 -24.17 6.47 6.98
C GLY B 168 -22.73 6.36 7.43
N VAL B 169 -22.46 6.01 8.71
CA VAL B 169 -21.10 6.02 9.24
C VAL B 169 -20.19 5.11 8.44
N ASP B 170 -20.63 3.86 8.23
CA ASP B 170 -19.70 2.83 7.78
C ASP B 170 -19.34 3.01 6.31
N SER B 171 -20.30 3.42 5.47
CA SER B 171 -19.94 3.75 4.09
C SER B 171 -19.06 5.00 4.04
N ALA B 172 -19.35 5.99 4.89
CA ALA B 172 -18.56 7.22 4.87
C ALA B 172 -17.13 6.94 5.30
N MET B 173 -16.96 6.26 6.43
CA MET B 173 -15.60 6.01 6.93
C MET B 173 -14.82 5.15 5.94
N SER B 174 -15.49 4.19 5.31
CA SER B 174 -14.80 3.34 4.35
C SER B 174 -14.38 4.13 3.11
N LEU B 175 -15.25 5.01 2.62
CA LEU B 175 -14.88 5.90 1.52
C LEU B 175 -13.67 6.77 1.89
N ILE B 176 -13.67 7.33 3.11
CA ILE B 176 -12.63 8.28 3.46
C ILE B 176 -11.29 7.57 3.68
N GLN B 177 -11.31 6.42 4.34
CA GLN B 177 -10.06 5.68 4.49
C GLN B 177 -9.51 5.27 3.13
N ALA B 178 -10.38 4.88 2.18
CA ALA B 178 -9.92 4.59 0.82
C ALA B 178 -9.28 5.81 0.17
N ALA B 179 -9.90 6.99 0.30
CA ALA B 179 -9.30 8.18 -0.29
C ALA B 179 -7.99 8.56 0.41
N LYS B 180 -7.90 8.30 1.72
CA LYS B 180 -6.68 8.63 2.44
C LYS B 180 -5.52 7.74 1.98
N ASN B 181 -5.77 6.43 1.81
CA ASN B 181 -4.73 5.56 1.26
C ASN B 181 -4.27 6.04 -0.11
N LEU B 182 -5.23 6.31 -1.01
CA LEU B 182 -4.85 6.72 -2.36
C LEU B 182 -4.10 8.05 -2.33
N MET B 183 -4.58 8.98 -1.50
CA MET B 183 -3.90 10.28 -1.35
C MET B 183 -2.44 10.08 -0.95
N ASN B 184 -2.19 9.23 0.04
CA ASN B 184 -0.81 8.98 0.45
C ASN B 184 0.00 8.34 -0.67
N ALA B 185 -0.63 7.46 -1.47
CA ALA B 185 0.08 6.81 -2.56
C ALA B 185 0.45 7.79 -3.65
N VAL B 186 -0.42 8.78 -3.90
CA VAL B 186 -0.19 9.78 -4.93
C VAL B 186 0.99 10.67 -4.56
N VAL B 187 1.06 11.11 -3.31
CA VAL B 187 2.16 12.00 -2.95
C VAL B 187 3.48 11.24 -2.96
N GLN B 188 3.49 10.01 -2.41
CA GLN B 188 4.68 9.17 -2.51
C GLN B 188 5.05 8.89 -3.97
N THR B 189 4.08 8.82 -4.86
CA THR B 189 4.38 8.57 -6.26
C THR B 189 5.05 9.78 -6.91
N VAL B 190 4.64 10.99 -6.52
CA VAL B 190 5.27 12.19 -7.05
C VAL B 190 6.71 12.29 -6.55
N LYS B 191 6.91 12.18 -5.24
CA LYS B 191 8.27 12.19 -4.68
C LYS B 191 9.17 11.15 -5.35
N ALA B 192 8.62 9.99 -5.70
CA ALA B 192 9.46 8.94 -6.26
C ALA B 192 9.62 9.05 -7.76
N SER B 193 8.63 9.64 -8.44
CA SER B 193 8.79 9.91 -9.87
C SER B 193 9.91 10.92 -10.11
N TYR B 194 10.05 11.89 -9.21
CA TYR B 194 11.12 12.88 -9.35
C TYR B 194 12.47 12.25 -9.04
N VAL B 195 12.56 11.53 -7.92
CA VAL B 195 13.81 10.89 -7.54
C VAL B 195 14.30 9.97 -8.66
N ALA B 196 13.41 9.13 -9.19
CA ALA B 196 13.78 8.25 -10.29
C ALA B 196 14.08 9.01 -11.57
N SER B 197 13.70 10.29 -11.66
CA SER B 197 14.02 11.11 -12.81
C SER B 197 15.44 11.66 -12.71
N THR B 198 15.84 12.07 -11.49
CA THR B 198 17.19 12.52 -11.19
C THR B 198 18.25 11.55 -11.70
N LYS B 199 18.03 10.25 -11.51
CA LYS B 199 18.97 9.23 -11.99
C LYS B 199 19.02 9.11 -13.53
N TYR B 200 18.37 10.02 -14.25
CA TYR B 200 18.38 10.04 -15.72
C TYR B 200 17.77 8.76 -16.28
N VAL B 214 7.95 14.61 -19.71
CA VAL B 214 7.79 14.87 -18.29
C VAL B 214 8.91 15.78 -17.78
N SER B 215 8.58 17.05 -17.61
CA SER B 215 9.55 18.09 -17.25
C SER B 215 9.43 18.43 -15.78
N TRP B 216 10.53 18.26 -15.05
CA TRP B 216 10.58 18.58 -13.63
C TRP B 216 11.19 19.98 -13.44
N LYS B 217 10.42 20.98 -13.84
CA LYS B 217 10.79 22.38 -13.71
C LYS B 217 10.13 22.98 -12.48
N MET B 218 10.94 23.57 -11.59
CA MET B 218 10.42 24.29 -10.45
C MET B 218 9.98 25.70 -10.87
N LYS B 219 9.07 26.28 -10.09
CA LYS B 219 8.52 27.63 -10.34
C LYS B 219 8.04 27.81 -11.79
BR BR C . -0.50 -16.42 -16.89
BR BR D . 24.76 2.32 19.40
S SO4 E . -5.91 -27.12 2.27
O1 SO4 E . -6.49 -28.21 1.50
O2 SO4 E . -4.62 -26.72 1.68
O3 SO4 E . -6.87 -26.01 2.25
O4 SO4 E . -5.70 -27.56 3.65
BR BR F . -29.57 18.20 -1.70
BR BR G . -11.28 18.11 2.03
BR BR H . -40.66 -2.46 15.54
S SO4 I . 5.84 4.10 3.02
O1 SO4 I . 5.52 2.67 2.91
O2 SO4 I . 6.94 4.52 2.14
O3 SO4 I . 4.63 4.83 2.64
O4 SO4 I . 6.25 4.38 4.40
#